data_9R3W
#
_entry.id   9R3W
#
_cell.length_a   112.674
_cell.length_b   112.674
_cell.length_c   108.270
_cell.angle_alpha   90.000
_cell.angle_beta   90.000
_cell.angle_gamma   90.000
#
_symmetry.space_group_name_H-M   'P 4 21 2'
#
loop_
_entity.id
_entity.type
_entity.pdbx_description
1 polymer 'tRNA ligase'
2 non-polymer "GUANOSINE-5'-DIPHOSPHATE"
3 non-polymer 'DIPHOSPHOMETHYLPHOSPHONIC ACID ADENOSYL ESTER'
4 non-polymer 'SULFATE ION'
5 water water
#
_entity_poly.entity_id   1
_entity_poly.type   'polypeptide(L)'
_entity_poly.pdbx_seq_one_letter_code
;GSHMDGTAEKQRDSLASRYKASTDYAKDAEGLTAPYVSQDPQETAALVRALDDAAKKGKKSGGFSVKKTRYAVASSPTGA
EVDSWRFNDWDYKKPDLPTYARGLFTTRTQHGVPEIAVRGYDKFFNIDETRDTAWSAIRERTKGPYELTLKENGCIIFIS
GLEDGTLLVCSKHSTGDRSDVALSHSSAGEKHLEAQLERIGKTKEELARELRKRNATAVAELCDDSFEEHILAYGPDKAG
LYLHGINLNIPEFITYPSPLVQKFAEDWGFRKTGLIIIDNIDDVKAFLEEVAETGAHDGRDVEGFVIRCKKSTNPGVGPY
HDWFFKYKFEEPYLMYRQWRECTKALISGKQPKIKKHVKITEEYLLYARKRLAADPKLAKLYNQNHGIIKLRNDFLEYKN
MKGTDAANLEDDGAASVTRDIILVPIATIGCGKTTLGVALTKLFGWGHIQNDNITGSKRPPRFTKAVLDELNEHPAVFAD
RNNSMRQERKQLLTDVKMQHTTARLVALHFVHDDINTVRKVTQERVIQRGDNHQTIQAATDVNKVIGIMEGFIHRFEPCD
PEKDPDEGFDAVIDLDPTAGSRENLEVVIRELHRLYPNFVKEVPPAEAMDEAIKFAMESYKPDLRHI
;
_entity_poly.pdbx_strand_id   A
#
# COMPACT_ATOMS: atom_id res chain seq x y z
N SER A 14 28.21 -6.24 2.75
CA SER A 14 26.76 -6.15 2.92
C SER A 14 26.06 -6.53 1.64
N LEU A 15 24.80 -6.93 1.73
CA LEU A 15 24.10 -7.43 0.56
C LEU A 15 23.84 -6.32 -0.44
N ALA A 16 23.54 -5.10 0.04
CA ALA A 16 23.25 -4.01 -0.89
C ALA A 16 24.49 -3.63 -1.69
N SER A 17 25.67 -3.80 -1.11
CA SER A 17 26.87 -3.51 -1.87
C SER A 17 27.17 -4.59 -2.90
N ARG A 18 26.84 -5.84 -2.61
CA ARG A 18 27.17 -6.93 -3.53
C ARG A 18 26.27 -6.88 -4.77
N TYR A 19 25.00 -6.53 -4.60
CA TYR A 19 24.01 -6.59 -5.67
C TYR A 19 23.82 -5.20 -6.26
N LYS A 20 24.08 -5.06 -7.55
CA LYS A 20 23.93 -3.80 -8.27
C LYS A 20 22.83 -3.94 -9.32
N ALA A 21 22.03 -2.91 -9.51
CA ALA A 21 21.01 -2.93 -10.54
C ALA A 21 21.67 -2.66 -11.89
N SER A 22 21.24 -3.37 -12.92
CA SER A 22 21.88 -3.25 -14.22
C SER A 22 20.83 -3.03 -15.30
N THR A 23 21.13 -2.17 -16.28
CA THR A 23 20.35 -2.12 -17.52
C THR A 23 21.11 -2.76 -18.68
N ASP A 24 21.98 -3.73 -18.37
CA ASP A 24 22.83 -4.38 -19.37
C ASP A 24 22.44 -5.84 -19.57
N TYR A 25 21.16 -6.20 -19.38
CA TYR A 25 20.79 -7.60 -19.47
C TYR A 25 20.34 -8.00 -20.85
N ALA A 26 20.16 -7.05 -21.78
CA ALA A 26 19.70 -7.40 -23.12
C ALA A 26 20.61 -8.41 -23.81
N LYS A 27 21.93 -8.30 -23.61
CA LYS A 27 22.84 -9.29 -24.17
C LYS A 27 22.55 -10.68 -23.63
N ASP A 28 22.14 -10.78 -22.36
CA ASP A 28 21.78 -12.06 -21.75
C ASP A 28 20.53 -12.68 -22.36
N ALA A 29 19.81 -11.94 -23.21
CA ALA A 29 18.58 -12.41 -23.79
C ALA A 29 18.74 -12.86 -25.24
N GLU A 30 19.94 -12.72 -25.81
CA GLU A 30 20.18 -13.23 -27.15
C GLU A 30 19.85 -14.71 -27.21
N GLY A 31 19.13 -15.10 -28.26
CA GLY A 31 18.71 -16.47 -28.46
C GLY A 31 17.41 -16.85 -27.76
N LEU A 32 17.05 -16.19 -26.65
CA LEU A 32 15.88 -16.59 -25.89
C LEU A 32 14.60 -16.27 -26.64
N THR A 33 13.57 -17.07 -26.39
CA THR A 33 12.28 -16.89 -27.03
C THR A 33 11.30 -16.29 -26.03
N ALA A 34 10.59 -15.25 -26.46
CA ALA A 34 9.61 -14.61 -25.61
C ALA A 34 8.38 -15.51 -25.44
N PRO A 35 7.71 -15.44 -24.30
CA PRO A 35 6.45 -16.21 -24.18
C PRO A 35 5.45 -15.69 -25.19
N TYR A 36 4.62 -16.62 -25.70
CA TYR A 36 3.60 -16.25 -26.68
C TYR A 36 2.42 -17.19 -26.55
N VAL A 37 1.22 -16.61 -26.48
CA VAL A 37 -0.05 -17.33 -26.55
C VAL A 37 -0.98 -16.49 -27.41
N SER A 38 -1.61 -17.10 -28.43
CA SER A 38 -2.57 -16.33 -29.21
C SER A 38 -3.89 -16.22 -28.45
N GLN A 39 -4.74 -15.30 -28.88
CA GLN A 39 -6.02 -15.08 -28.21
C GLN A 39 -7.00 -16.15 -28.66
N ASP A 40 -7.66 -16.78 -27.70
CA ASP A 40 -8.71 -17.73 -28.07
C ASP A 40 -10.03 -16.99 -28.25
N PRO A 41 -10.63 -16.99 -29.45
CA PRO A 41 -11.89 -16.27 -29.64
C PRO A 41 -12.97 -16.64 -28.65
N GLN A 42 -13.09 -17.93 -28.33
CA GLN A 42 -14.11 -18.39 -27.38
C GLN A 42 -13.86 -17.81 -25.99
N GLU A 43 -12.62 -17.91 -25.52
CA GLU A 43 -12.25 -17.45 -24.19
C GLU A 43 -12.37 -15.94 -24.08
N THR A 44 -11.93 -15.20 -25.11
CA THR A 44 -12.09 -13.74 -25.09
C THR A 44 -13.55 -13.33 -25.06
N ALA A 45 -14.39 -13.97 -25.88
CA ALA A 45 -15.82 -13.65 -25.86
C ALA A 45 -16.43 -13.93 -24.50
N ALA A 46 -16.02 -15.03 -23.86
CA ALA A 46 -16.57 -15.34 -22.54
C ALA A 46 -16.17 -14.27 -21.54
N LEU A 47 -14.94 -13.81 -21.61
CA LEU A 47 -14.51 -12.76 -20.71
C LEU A 47 -15.36 -11.51 -20.92
N VAL A 48 -15.51 -11.08 -22.17
CA VAL A 48 -16.25 -9.85 -22.47
C VAL A 48 -17.70 -9.98 -22.03
N ARG A 49 -18.29 -11.17 -22.18
CA ARG A 49 -19.67 -11.35 -21.72
C ARG A 49 -19.77 -11.29 -20.20
N ALA A 50 -18.80 -11.89 -19.48
CA ALA A 50 -18.82 -11.80 -18.01
C ALA A 50 -18.63 -10.35 -17.55
N LEU A 51 -17.76 -9.60 -18.22
CA LEU A 51 -17.59 -8.19 -17.85
C LEU A 51 -18.84 -7.38 -18.13
N ASP A 52 -19.39 -7.50 -19.36
CA ASP A 52 -20.60 -6.79 -19.76
C ASP A 52 -21.73 -7.03 -18.77
N ASP A 53 -21.92 -8.30 -18.41
CA ASP A 53 -22.98 -8.69 -17.48
C ASP A 53 -22.74 -8.07 -16.11
N ALA A 54 -21.51 -8.08 -15.62
CA ALA A 54 -21.20 -7.42 -14.37
C ALA A 54 -21.39 -5.91 -14.46
N ALA A 55 -21.22 -5.31 -15.65
CA ALA A 55 -21.37 -3.87 -15.75
C ALA A 55 -22.83 -3.44 -15.71
N LYS A 56 -23.75 -4.32 -16.13
CA LYS A 56 -25.18 -4.00 -16.11
C LYS A 56 -25.85 -4.27 -14.76
N LYS A 57 -25.28 -5.14 -13.92
CA LYS A 57 -25.94 -5.55 -12.67
C LYS A 57 -26.10 -4.36 -11.71
N GLY A 58 -27.16 -4.43 -10.89
CA GLY A 58 -27.48 -3.39 -9.94
C GLY A 58 -26.53 -3.33 -8.75
N GLY A 63 -21.52 -9.24 -5.68
CA GLY A 63 -20.35 -8.54 -5.17
C GLY A 63 -19.48 -7.92 -6.25
N PHE A 64 -18.86 -8.79 -7.07
CA PHE A 64 -18.08 -8.44 -8.26
C PHE A 64 -18.71 -7.38 -9.17
N SER A 65 -18.18 -6.15 -9.20
CA SER A 65 -18.75 -5.09 -10.04
C SER A 65 -17.70 -4.54 -10.99
N VAL A 66 -18.13 -4.01 -12.14
CA VAL A 66 -17.14 -3.44 -13.04
C VAL A 66 -17.72 -2.24 -13.77
N LYS A 67 -16.87 -1.24 -14.01
CA LYS A 67 -17.23 -0.09 -14.83
C LYS A 67 -16.70 -0.28 -16.25
N LYS A 68 -17.53 0.04 -17.24
CA LYS A 68 -17.20 -0.08 -18.66
C LYS A 68 -17.22 1.32 -19.24
N THR A 69 -16.10 1.76 -19.84
CA THR A 69 -16.05 3.08 -20.47
C THR A 69 -15.58 2.94 -21.90
N ARG A 70 -16.37 3.45 -22.88
CA ARG A 70 -15.96 3.36 -24.27
C ARG A 70 -15.18 4.60 -24.68
N TYR A 71 -14.08 4.38 -25.43
CA TYR A 71 -13.20 5.45 -25.91
C TYR A 71 -12.98 5.28 -27.40
N ALA A 72 -13.14 6.38 -28.14
CA ALA A 72 -12.71 6.37 -29.52
C ALA A 72 -11.20 6.46 -29.57
N VAL A 73 -10.60 5.80 -30.55
CA VAL A 73 -9.15 5.83 -30.72
C VAL A 73 -8.87 6.86 -31.80
N ALA A 74 -8.41 8.05 -31.40
CA ALA A 74 -8.39 9.16 -32.35
C ALA A 74 -7.39 8.92 -33.48
N SER A 75 -6.29 8.18 -33.21
CA SER A 75 -5.32 7.92 -34.27
C SER A 75 -5.69 6.73 -35.16
N SER A 76 -6.81 6.06 -34.91
CA SER A 76 -7.17 4.86 -35.67
C SER A 76 -7.72 5.22 -37.05
N PRO A 77 -7.13 4.74 -38.13
CA PRO A 77 -7.64 5.09 -39.46
C PRO A 77 -9.00 4.47 -39.77
N THR A 78 -9.37 3.41 -39.07
CA THR A 78 -10.68 2.80 -39.29
C THR A 78 -11.70 3.25 -38.27
N GLY A 79 -11.36 4.14 -37.35
CA GLY A 79 -12.33 4.52 -36.36
C GLY A 79 -12.55 3.50 -35.26
N ALA A 80 -11.52 2.71 -34.95
CA ALA A 80 -11.61 1.71 -33.89
C ALA A 80 -11.96 2.34 -32.54
N GLU A 81 -12.70 1.59 -31.74
CA GLU A 81 -12.99 2.01 -30.38
C GLU A 81 -12.54 0.92 -29.41
N VAL A 82 -12.32 1.33 -28.17
CA VAL A 82 -11.90 0.43 -27.11
C VAL A 82 -12.79 0.64 -25.90
N ASP A 83 -13.08 -0.46 -25.21
CA ASP A 83 -13.76 -0.49 -23.92
C ASP A 83 -12.74 -0.70 -22.82
N SER A 84 -12.70 0.25 -21.88
CA SER A 84 -11.84 0.16 -20.72
C SER A 84 -12.68 -0.37 -19.57
N TRP A 85 -12.15 -1.38 -18.86
CA TRP A 85 -12.88 -2.05 -17.79
C TRP A 85 -12.13 -1.85 -16.49
N ARG A 86 -12.88 -1.52 -15.42
CA ARG A 86 -12.25 -1.22 -14.15
C ARG A 86 -13.11 -1.81 -13.04
N PHE A 87 -12.51 -2.61 -12.17
CA PHE A 87 -13.19 -3.21 -11.04
C PHE A 87 -13.15 -2.24 -9.86
N ASN A 88 -14.01 -2.49 -8.86
CA ASN A 88 -13.75 -1.88 -7.57
C ASN A 88 -12.42 -2.43 -7.04
N ASP A 89 -11.62 -1.54 -6.45
CA ASP A 89 -10.27 -1.91 -6.04
C ASP A 89 -10.27 -3.10 -5.08
N TRP A 90 -11.23 -3.14 -4.13
CA TRP A 90 -11.25 -4.26 -3.18
C TRP A 90 -11.62 -5.60 -3.83
N ASP A 91 -12.28 -5.62 -5.02
CA ASP A 91 -12.61 -6.87 -5.71
C ASP A 91 -11.36 -7.71 -5.98
N TYR A 92 -10.21 -7.09 -6.08
CA TYR A 92 -9.04 -7.88 -6.38
C TYR A 92 -8.69 -8.90 -5.29
N LYS A 93 -9.35 -8.85 -4.14
CA LYS A 93 -9.12 -9.83 -3.09
C LYS A 93 -10.18 -10.94 -3.04
N LYS A 94 -11.26 -10.83 -3.81
CA LYS A 94 -12.07 -12.00 -4.04
C LYS A 94 -11.36 -12.99 -4.95
N PRO A 95 -11.76 -14.26 -4.87
CA PRO A 95 -11.42 -15.24 -5.90
C PRO A 95 -12.41 -15.30 -7.06
N ASP A 96 -13.32 -14.33 -7.16
CA ASP A 96 -14.41 -14.41 -8.13
C ASP A 96 -14.01 -13.95 -9.54
N LEU A 97 -12.98 -13.11 -9.67
CA LEU A 97 -12.86 -12.31 -10.88
C LEU A 97 -12.50 -13.15 -12.10
N PRO A 98 -13.03 -12.80 -13.27
CA PRO A 98 -12.64 -13.50 -14.50
C PRO A 98 -11.24 -13.13 -15.01
N THR A 99 -10.67 -12.02 -14.56
CA THR A 99 -9.27 -11.72 -14.80
C THR A 99 -8.81 -10.79 -13.68
N TYR A 100 -7.51 -10.81 -13.37
CA TYR A 100 -7.01 -9.94 -12.31
C TYR A 100 -6.18 -8.78 -12.85
N ALA A 101 -6.28 -8.55 -14.16
CA ALA A 101 -5.64 -7.42 -14.82
C ALA A 101 -6.09 -6.10 -14.19
N ARG A 102 -5.15 -5.20 -14.00
CA ARG A 102 -5.46 -3.83 -13.61
C ARG A 102 -5.02 -2.97 -14.78
N GLY A 103 -6.00 -2.48 -15.54
CA GLY A 103 -5.74 -1.99 -16.87
C GLY A 103 -6.17 -3.05 -17.85
N LEU A 104 -7.31 -2.84 -18.50
CA LEU A 104 -7.88 -3.87 -19.37
C LEU A 104 -8.76 -3.18 -20.40
N PHE A 105 -8.37 -3.26 -21.68
CA PHE A 105 -9.13 -2.64 -22.75
C PHE A 105 -9.46 -3.73 -23.75
N THR A 106 -10.71 -3.78 -24.17
CA THR A 106 -11.11 -4.69 -25.24
C THR A 106 -11.57 -3.91 -26.47
N THR A 107 -11.59 -4.59 -27.60
CA THR A 107 -11.92 -3.97 -28.87
C THR A 107 -12.56 -5.04 -29.76
N ARG A 108 -12.89 -4.64 -30.98
CA ARG A 108 -13.39 -5.56 -31.98
C ARG A 108 -12.62 -5.36 -33.27
N THR A 109 -12.30 -6.46 -33.94
CA THR A 109 -11.60 -6.39 -35.22
C THR A 109 -12.55 -5.86 -36.30
N GLN A 110 -11.97 -5.62 -37.49
CA GLN A 110 -12.76 -5.13 -38.61
C GLN A 110 -13.86 -6.10 -38.99
N HIS A 111 -13.68 -7.37 -38.66
CA HIS A 111 -14.60 -8.44 -38.99
C HIS A 111 -15.40 -8.88 -37.78
N GLY A 112 -15.36 -8.10 -36.69
CA GLY A 112 -16.26 -8.28 -35.57
C GLY A 112 -15.81 -9.21 -34.48
N VAL A 113 -14.54 -9.62 -34.47
CA VAL A 113 -14.03 -10.52 -33.44
C VAL A 113 -13.66 -9.69 -32.20
N PRO A 114 -14.17 -10.04 -31.02
CA PRO A 114 -13.74 -9.37 -29.79
C PRO A 114 -12.31 -9.76 -29.44
N GLU A 115 -11.52 -8.76 -29.06
CA GLU A 115 -10.11 -8.96 -28.74
C GLU A 115 -9.75 -8.17 -27.50
N ILE A 116 -8.76 -8.68 -26.75
CA ILE A 116 -8.10 -7.90 -25.70
C ILE A 116 -7.06 -7.01 -26.41
N ALA A 117 -7.23 -5.71 -26.28
CA ALA A 117 -6.30 -4.76 -26.88
C ALA A 117 -5.16 -4.36 -25.91
N VAL A 118 -5.44 -4.31 -24.61
CA VAL A 118 -4.47 -3.89 -23.59
C VAL A 118 -4.69 -4.75 -22.37
N ARG A 119 -3.63 -5.34 -21.86
CA ARG A 119 -3.69 -6.20 -20.67
C ARG A 119 -2.60 -5.76 -19.69
N GLY A 120 -2.99 -5.04 -18.64
CA GLY A 120 -2.03 -4.59 -17.64
C GLY A 120 -1.56 -5.74 -16.77
N TYR A 121 -0.63 -5.43 -15.88
CA TYR A 121 -0.26 -6.42 -14.88
C TYR A 121 -1.48 -6.82 -14.04
N ASP A 122 -1.42 -8.02 -13.44
CA ASP A 122 -2.34 -8.32 -12.33
C ASP A 122 -2.14 -7.28 -11.23
N LYS A 123 -3.24 -6.92 -10.57
CA LYS A 123 -3.10 -6.10 -9.38
C LYS A 123 -2.15 -6.79 -8.40
N PHE A 124 -1.19 -6.03 -7.85
CA PHE A 124 -0.23 -6.61 -6.93
C PHE A 124 -0.02 -5.66 -5.75
N PHE A 125 0.58 -6.19 -4.67
CA PHE A 125 0.50 -5.60 -3.33
C PHE A 125 1.88 -5.50 -2.65
N ASN A 126 1.97 -4.56 -1.70
CA ASN A 126 3.16 -4.38 -0.86
C ASN A 126 3.27 -5.54 0.13
N ILE A 127 4.51 -5.78 0.60
CA ILE A 127 4.72 -6.71 1.72
C ILE A 127 3.71 -6.42 2.81
N ASP A 128 3.12 -7.48 3.37
CA ASP A 128 2.19 -7.42 4.50
C ASP A 128 0.89 -6.69 4.17
N GLU A 129 0.58 -6.48 2.91
CA GLU A 129 -0.72 -5.91 2.59
C GLU A 129 -1.80 -6.97 2.48
N THR A 130 -1.44 -8.20 2.12
CA THR A 130 -2.35 -9.32 1.90
C THR A 130 -1.72 -10.56 2.52
N ARG A 131 -2.54 -11.62 2.61
CA ARG A 131 -2.04 -12.93 3.02
C ARG A 131 -0.91 -13.42 2.11
N ASP A 132 -1.07 -13.25 0.80
CA ASP A 132 -0.05 -13.72 -0.12
C ASP A 132 1.24 -12.94 -0.05
N THR A 133 1.21 -11.67 0.39
CA THR A 133 2.45 -10.89 0.44
C THR A 133 3.02 -10.77 1.86
N ALA A 134 2.64 -11.67 2.75
CA ALA A 134 3.41 -11.84 3.98
C ALA A 134 4.73 -12.55 3.64
N TRP A 135 5.83 -12.16 4.30
CA TRP A 135 7.09 -12.86 4.02
C TRP A 135 6.96 -14.35 4.29
N SER A 136 6.20 -14.72 5.34
CA SER A 136 6.05 -16.14 5.65
C SER A 136 5.37 -16.88 4.50
N ALA A 137 4.43 -16.24 3.81
CA ALA A 137 3.79 -16.89 2.68
C ALA A 137 4.67 -16.85 1.44
N ILE A 138 5.35 -15.73 1.20
CA ILE A 138 6.26 -15.66 0.06
C ILE A 138 7.33 -16.75 0.14
N ARG A 139 7.90 -16.96 1.33
CA ARG A 139 8.96 -17.94 1.50
C ARG A 139 8.50 -19.35 1.17
N GLU A 140 7.24 -19.66 1.45
CA GLU A 140 6.68 -21.01 1.29
C GLU A 140 6.24 -21.28 -0.14
N ARG A 141 5.66 -20.27 -0.81
CA ARG A 141 4.85 -20.50 -1.98
C ARG A 141 5.43 -19.93 -3.26
N THR A 142 6.57 -19.25 -3.21
CA THR A 142 7.15 -18.72 -4.44
C THR A 142 8.42 -19.48 -4.77
N LYS A 143 8.82 -19.43 -6.05
CA LYS A 143 10.15 -19.86 -6.44
C LYS A 143 10.83 -18.77 -7.26
N GLY A 144 12.15 -18.76 -7.19
CA GLY A 144 12.96 -17.84 -7.94
C GLY A 144 13.52 -18.43 -9.23
N PRO A 145 14.57 -17.80 -9.79
CA PRO A 145 15.28 -16.61 -9.29
C PRO A 145 14.34 -15.39 -9.26
N TYR A 146 14.56 -14.52 -8.29
CA TYR A 146 13.71 -13.37 -8.07
C TYR A 146 14.24 -12.20 -8.88
N GLU A 147 13.38 -11.58 -9.66
CA GLU A 147 13.73 -10.38 -10.41
C GLU A 147 13.37 -9.16 -9.57
N LEU A 148 14.36 -8.37 -9.16
CA LEU A 148 14.08 -7.13 -8.44
C LEU A 148 14.17 -6.01 -9.47
N THR A 149 13.03 -5.39 -9.79
CA THR A 149 13.00 -4.33 -10.79
C THR A 149 12.84 -2.99 -10.10
N LEU A 150 13.61 -2.00 -10.54
CA LEU A 150 13.49 -0.67 -9.97
C LEU A 150 12.09 -0.11 -10.27
N LYS A 151 11.47 0.44 -9.24
CA LYS A 151 10.14 1.02 -9.34
C LYS A 151 10.29 2.51 -9.61
N GLU A 152 10.36 2.88 -10.89
CA GLU A 152 10.40 4.29 -11.25
C GLU A 152 9.01 4.88 -11.05
N ASN A 153 8.91 6.12 -10.61
CA ASN A 153 7.60 6.63 -10.21
C ASN A 153 7.20 7.76 -11.13
N GLY A 154 6.27 7.47 -12.05
CA GLY A 154 5.66 8.46 -12.92
C GLY A 154 4.22 8.05 -13.10
N CYS A 155 3.72 7.94 -14.34
CA CYS A 155 2.44 7.28 -14.52
C CYS A 155 2.61 6.11 -15.48
N ILE A 156 1.75 5.11 -15.36
CA ILE A 156 1.85 3.95 -16.23
C ILE A 156 1.30 4.29 -17.61
N ILE A 157 1.93 3.71 -18.63
CA ILE A 157 1.51 3.85 -20.02
C ILE A 157 1.44 2.45 -20.60
N PHE A 158 0.33 2.13 -21.28
CA PHE A 158 0.20 0.86 -21.98
C PHE A 158 0.30 1.11 -23.48
N ILE A 159 0.98 0.22 -24.20
CA ILE A 159 1.18 0.37 -25.64
C ILE A 159 0.91 -0.96 -26.31
N SER A 160 0.05 -0.97 -27.32
CA SER A 160 -0.21 -2.21 -28.07
C SER A 160 -0.57 -1.85 -29.51
N GLY A 161 -0.71 -2.87 -30.36
CA GLY A 161 -1.03 -2.66 -31.76
C GLY A 161 -2.43 -3.20 -32.10
N LEU A 162 -3.22 -2.37 -32.78
CA LEU A 162 -4.54 -2.84 -33.19
C LEU A 162 -4.46 -3.51 -34.57
N GLU A 163 -5.55 -4.19 -34.93
CA GLU A 163 -5.58 -4.90 -36.20
C GLU A 163 -5.40 -3.96 -37.41
N ASP A 164 -5.91 -2.73 -37.34
CA ASP A 164 -5.74 -1.81 -38.47
C ASP A 164 -4.38 -1.10 -38.47
N GLY A 165 -3.46 -1.51 -37.60
CA GLY A 165 -2.13 -0.96 -37.59
C GLY A 165 -1.97 0.23 -36.68
N THR A 166 -3.02 0.63 -36.00
CA THR A 166 -2.95 1.71 -35.03
C THR A 166 -2.07 1.31 -33.86
N LEU A 167 -1.15 2.20 -33.47
CA LEU A 167 -0.45 2.09 -32.20
C LEU A 167 -1.36 2.68 -31.12
N LEU A 168 -1.92 1.83 -30.27
CA LEU A 168 -2.80 2.29 -29.21
C LEU A 168 -1.96 2.64 -27.98
N VAL A 169 -2.16 3.84 -27.44
CA VAL A 169 -1.45 4.28 -26.25
C VAL A 169 -2.48 4.70 -25.21
N CYS A 170 -2.41 4.09 -24.01
CA CYS A 170 -3.35 4.29 -22.92
C CYS A 170 -2.59 4.62 -21.64
N SER A 171 -3.27 5.32 -20.73
CA SER A 171 -2.85 5.46 -19.34
C SER A 171 -3.54 4.32 -18.57
N LYS A 172 -3.56 4.34 -17.23
CA LYS A 172 -4.00 3.12 -16.54
C LYS A 172 -5.42 2.74 -16.95
N HIS A 173 -6.29 3.72 -17.17
CA HIS A 173 -7.67 3.37 -17.49
C HIS A 173 -8.25 4.19 -18.64
N SER A 174 -7.45 5.01 -19.31
CA SER A 174 -8.05 5.92 -20.26
C SER A 174 -7.22 5.95 -21.53
N THR A 175 -7.75 6.56 -22.57
CA THR A 175 -6.93 6.85 -23.73
C THR A 175 -7.50 8.07 -24.41
N GLY A 176 -6.69 8.67 -25.26
CA GLY A 176 -7.16 9.79 -26.04
C GLY A 176 -6.97 11.11 -25.33
N ASP A 177 -7.46 12.14 -26.00
CA ASP A 177 -7.42 13.48 -25.47
C ASP A 177 -8.73 13.79 -24.76
N ARG A 178 -8.63 14.62 -23.75
CA ARG A 178 -9.78 15.27 -23.16
C ARG A 178 -9.58 16.76 -23.37
N SER A 179 -10.67 17.47 -23.69
CA SER A 179 -10.54 18.90 -23.90
C SER A 179 -10.28 19.66 -22.61
N ASP A 180 -10.50 19.03 -21.45
CA ASP A 180 -10.28 19.63 -20.15
C ASP A 180 -8.81 19.65 -19.72
N VAL A 181 -7.88 19.27 -20.60
CA VAL A 181 -6.45 19.43 -20.37
C VAL A 181 -5.79 19.60 -21.72
N ALA A 182 -4.66 20.30 -21.73
CA ALA A 182 -3.90 20.44 -22.97
C ALA A 182 -3.34 19.10 -23.41
N LEU A 183 -2.91 18.26 -22.46
CA LEU A 183 -2.20 17.04 -22.79
C LEU A 183 -2.55 15.99 -21.75
N SER A 184 -3.35 14.99 -22.15
CA SER A 184 -3.63 13.89 -21.25
C SER A 184 -2.37 13.06 -21.02
N HIS A 185 -2.44 12.20 -20.00
CA HIS A 185 -1.32 11.29 -19.74
C HIS A 185 -1.05 10.39 -20.94
N SER A 186 -2.11 9.83 -21.55
CA SER A 186 -1.86 8.98 -22.70
C SER A 186 -1.30 9.79 -23.87
N SER A 187 -1.76 11.02 -24.07
CA SER A 187 -1.21 11.76 -25.22
C SER A 187 0.22 12.16 -24.97
N ALA A 188 0.58 12.49 -23.72
CA ALA A 188 1.97 12.76 -23.40
C ALA A 188 2.83 11.54 -23.67
N GLY A 189 2.33 10.36 -23.31
CA GLY A 189 3.07 9.14 -23.60
C GLY A 189 3.23 8.92 -25.08
N GLU A 190 2.18 9.20 -25.85
CA GLU A 190 2.28 9.00 -27.30
C GLU A 190 3.29 9.96 -27.92
N LYS A 191 3.36 11.19 -27.39
CA LYS A 191 4.32 12.17 -27.89
C LYS A 191 5.75 11.76 -27.56
N HIS A 192 5.96 11.21 -26.37
CA HIS A 192 7.26 10.63 -26.06
C HIS A 192 7.59 9.47 -27.00
N LEU A 193 6.61 8.61 -27.28
CA LEU A 193 6.86 7.48 -28.18
C LEU A 193 7.29 7.96 -29.55
N GLU A 194 6.60 8.98 -30.06
CA GLU A 194 6.91 9.51 -31.37
C GLU A 194 8.36 10.00 -31.43
N ALA A 195 8.81 10.71 -30.39
CA ALA A 195 10.17 11.20 -30.37
C ALA A 195 11.17 10.05 -30.25
N GLN A 196 10.89 9.04 -29.42
CA GLN A 196 11.87 7.97 -29.25
C GLN A 196 12.00 7.12 -30.52
N LEU A 197 10.89 6.91 -31.25
CA LEU A 197 10.95 6.13 -32.47
C LEU A 197 11.68 6.90 -33.57
N GLU A 198 11.41 8.20 -33.69
CA GLU A 198 12.15 9.02 -34.65
C GLU A 198 13.65 8.98 -34.36
N ARG A 199 14.01 8.99 -33.06
CA ARG A 199 15.42 8.93 -32.67
C ARG A 199 16.12 7.67 -33.18
N ILE A 200 15.39 6.56 -33.39
CA ILE A 200 16.02 5.33 -33.86
C ILE A 200 15.59 4.97 -35.28
N GLY A 201 14.88 5.85 -35.97
CA GLY A 201 14.51 5.56 -37.36
C GLY A 201 13.38 4.55 -37.50
N LYS A 202 12.54 4.39 -36.49
CA LYS A 202 11.37 3.52 -36.60
C LYS A 202 10.11 4.35 -36.52
N THR A 203 8.97 3.69 -36.72
CA THR A 203 7.69 4.39 -36.83
C THR A 203 6.69 3.76 -35.86
N LYS A 204 5.65 4.53 -35.58
CA LYS A 204 4.60 4.02 -34.70
C LYS A 204 3.95 2.79 -35.30
N GLU A 205 3.78 2.74 -36.63
CA GLU A 205 3.13 1.57 -37.22
C GLU A 205 4.06 0.34 -37.18
N GLU A 206 5.38 0.52 -37.29
CA GLU A 206 6.27 -0.63 -37.11
C GLU A 206 6.13 -1.22 -35.71
N LEU A 207 6.06 -0.37 -34.68
CA LEU A 207 5.96 -0.85 -33.31
C LEU A 207 4.60 -1.51 -33.07
N ALA A 208 3.57 -0.95 -33.68
CA ALA A 208 2.24 -1.54 -33.57
C ALA A 208 2.19 -2.93 -34.18
N ARG A 209 2.80 -3.10 -35.36
CA ARG A 209 2.81 -4.42 -36.00
C ARG A 209 3.56 -5.42 -35.16
N GLU A 210 4.69 -5.01 -34.61
CA GLU A 210 5.50 -5.84 -33.73
C GLU A 210 4.76 -6.25 -32.47
N LEU A 211 4.08 -5.31 -31.82
CA LEU A 211 3.40 -5.69 -30.59
C LEU A 211 2.22 -6.62 -30.88
N ARG A 212 1.49 -6.36 -31.97
CA ARG A 212 0.36 -7.23 -32.33
C ARG A 212 0.83 -8.62 -32.74
N LYS A 213 1.95 -8.72 -33.49
CA LYS A 213 2.53 -10.03 -33.78
C LYS A 213 2.86 -10.79 -32.50
N ARG A 214 3.32 -10.10 -31.47
CA ARG A 214 3.64 -10.73 -30.19
C ARG A 214 2.41 -10.95 -29.30
N ASN A 215 1.23 -10.52 -29.75
CA ASN A 215 0.01 -10.47 -28.94
C ASN A 215 0.27 -9.88 -27.54
N ALA A 216 0.83 -8.67 -27.53
CA ALA A 216 1.40 -8.16 -26.30
C ALA A 216 1.06 -6.69 -26.05
N THR A 217 1.07 -6.33 -24.77
CA THR A 217 0.98 -4.97 -24.28
C THR A 217 2.36 -4.57 -23.72
N ALA A 218 2.96 -3.50 -24.22
CA ALA A 218 4.15 -2.96 -23.58
C ALA A 218 3.72 -2.06 -22.42
N VAL A 219 4.43 -2.16 -21.30
CA VAL A 219 4.06 -1.46 -20.07
C VAL A 219 5.26 -0.59 -19.67
N ALA A 220 5.07 0.74 -19.68
CA ALA A 220 6.16 1.68 -19.43
C ALA A 220 5.73 2.66 -18.35
N GLU A 221 6.71 3.36 -17.77
CA GLU A 221 6.45 4.42 -16.83
C GLU A 221 6.86 5.71 -17.51
N LEU A 222 5.91 6.61 -17.68
CA LEU A 222 6.22 7.95 -18.17
C LEU A 222 6.72 8.80 -17.01
N CYS A 223 7.95 9.27 -17.12
CA CYS A 223 8.62 10.01 -16.07
C CYS A 223 9.19 11.26 -16.73
N ASP A 224 8.64 12.43 -16.41
CA ASP A 224 8.95 13.66 -17.15
C ASP A 224 8.47 14.84 -16.31
N ASP A 225 9.41 15.52 -15.63
CA ASP A 225 9.04 16.64 -14.78
C ASP A 225 8.34 17.73 -15.55
N SER A 226 8.73 17.96 -16.80
CA SER A 226 8.08 19.02 -17.56
C SER A 226 6.63 18.69 -17.84
N PHE A 227 6.25 17.41 -17.80
CA PHE A 227 4.83 17.04 -17.91
C PHE A 227 4.15 17.03 -16.53
N GLU A 228 4.63 16.20 -15.60
CA GLU A 228 4.09 16.29 -14.26
C GLU A 228 5.13 15.80 -13.26
N GLU A 229 5.31 16.54 -12.17
CA GLU A 229 6.25 16.12 -11.13
C GLU A 229 5.62 15.10 -10.21
N HIS A 230 6.39 14.08 -9.88
CA HIS A 230 5.97 13.18 -8.82
C HIS A 230 6.88 13.37 -7.60
N ILE A 231 7.78 12.45 -7.30
CA ILE A 231 8.59 12.51 -6.08
C ILE A 231 10.06 12.80 -6.37
N LEU A 232 10.67 12.05 -7.28
CA LEU A 232 12.04 12.29 -7.70
C LEU A 232 12.06 13.04 -9.04
N ALA A 233 13.15 13.76 -9.28
CA ALA A 233 13.24 14.59 -10.46
C ALA A 233 13.58 13.74 -11.68
N TYR A 234 12.81 13.91 -12.76
CA TYR A 234 13.20 13.40 -14.08
C TYR A 234 13.30 14.61 -15.00
N GLY A 235 14.46 15.25 -14.99
CA GLY A 235 14.73 16.35 -15.87
C GLY A 235 14.97 15.86 -17.29
N PRO A 236 15.24 16.80 -18.20
CA PRO A 236 15.40 16.43 -19.63
C PRO A 236 16.39 15.31 -19.90
N ASP A 237 17.41 15.13 -19.07
CA ASP A 237 18.38 14.06 -19.28
C ASP A 237 17.80 12.68 -18.97
N LYS A 238 16.76 12.61 -18.16
CA LYS A 238 16.20 11.35 -17.68
C LYS A 238 14.75 11.13 -18.14
N ALA A 239 14.16 12.10 -18.83
CA ALA A 239 12.72 12.10 -19.10
C ALA A 239 12.41 11.13 -20.22
N GLY A 240 11.32 10.36 -20.06
CA GLY A 240 10.94 9.46 -21.14
C GLY A 240 10.08 8.32 -20.63
N LEU A 241 9.98 7.31 -21.47
CA LEU A 241 9.19 6.12 -21.17
C LEU A 241 10.14 5.02 -20.73
N TYR A 242 10.00 4.60 -19.46
CA TYR A 242 10.79 3.53 -18.86
C TYR A 242 9.99 2.24 -19.03
N LEU A 243 10.43 1.40 -19.96
CA LEU A 243 9.76 0.13 -20.22
C LEU A 243 10.01 -0.82 -19.06
N HIS A 244 8.96 -1.27 -18.37
CA HIS A 244 9.20 -2.25 -17.32
C HIS A 244 8.44 -3.56 -17.50
N GLY A 245 7.57 -3.68 -18.49
CA GLY A 245 6.97 -4.99 -18.69
C GLY A 245 6.45 -5.16 -20.09
N ILE A 246 6.28 -6.44 -20.47
CA ILE A 246 5.52 -6.81 -21.64
C ILE A 246 4.62 -7.99 -21.26
N ASN A 247 3.31 -7.81 -21.38
CA ASN A 247 2.31 -8.82 -21.02
C ASN A 247 1.62 -9.39 -22.24
N LEU A 248 1.18 -10.65 -22.16
CA LEU A 248 0.37 -11.22 -23.22
C LEU A 248 -1.09 -10.77 -23.09
N ASN A 249 -1.73 -10.54 -24.23
CA ASN A 249 -3.10 -10.07 -24.23
C ASN A 249 -4.03 -11.27 -24.15
N ILE A 250 -4.12 -11.83 -22.95
CA ILE A 250 -4.99 -12.99 -22.68
C ILE A 250 -5.59 -12.79 -21.29
N PRO A 251 -6.59 -13.57 -20.85
CA PRO A 251 -7.16 -13.30 -19.51
C PRO A 251 -6.24 -13.65 -18.36
N GLU A 252 -5.43 -14.69 -18.47
CA GLU A 252 -4.48 -14.96 -17.41
C GLU A 252 -3.23 -14.08 -17.60
N PHE A 253 -2.36 -14.11 -16.59
CA PHE A 253 -1.24 -13.17 -16.48
C PHE A 253 0.04 -13.90 -16.88
N ILE A 254 0.61 -13.56 -18.04
CA ILE A 254 1.89 -14.08 -18.47
C ILE A 254 2.73 -12.90 -18.92
N THR A 255 3.91 -12.74 -18.31
CA THR A 255 4.72 -11.54 -18.56
C THR A 255 6.11 -11.96 -19.03
N TYR A 256 6.79 -11.05 -19.74
CA TYR A 256 8.14 -11.34 -20.24
C TYR A 256 9.17 -11.30 -19.11
N PRO A 257 10.15 -12.23 -19.11
CA PRO A 257 11.34 -12.08 -18.26
C PRO A 257 12.00 -10.73 -18.50
N SER A 258 12.50 -10.10 -17.44
CA SER A 258 13.02 -8.75 -17.59
C SER A 258 14.22 -8.61 -18.55
N PRO A 259 15.10 -9.60 -18.73
CA PRO A 259 16.12 -9.45 -19.77
C PRO A 259 15.51 -9.22 -21.16
N LEU A 260 14.40 -9.88 -21.44
CA LEU A 260 13.77 -9.66 -22.73
C LEU A 260 13.08 -8.31 -22.78
N VAL A 261 12.58 -7.82 -21.64
CA VAL A 261 12.05 -6.45 -21.59
C VAL A 261 13.16 -5.44 -21.94
N GLN A 262 14.35 -5.60 -21.36
CA GLN A 262 15.44 -4.69 -21.66
C GLN A 262 15.90 -4.78 -23.12
N LYS A 263 15.89 -6.00 -23.69
CA LYS A 263 16.19 -6.14 -25.12
C LYS A 263 15.14 -5.44 -25.98
N PHE A 264 13.86 -5.60 -25.62
CA PHE A 264 12.84 -4.87 -26.35
C PHE A 264 13.00 -3.36 -26.19
N ALA A 265 13.30 -2.89 -24.96
CA ALA A 265 13.56 -1.45 -24.78
C ALA A 265 14.65 -0.96 -25.74
N GLU A 266 15.73 -1.72 -25.89
CA GLU A 266 16.82 -1.28 -26.76
C GLU A 266 16.39 -1.21 -28.22
N ASP A 267 15.64 -2.22 -28.68
CA ASP A 267 15.24 -2.28 -30.08
C ASP A 267 14.24 -1.20 -30.44
N TRP A 268 13.47 -0.69 -29.48
CA TRP A 268 12.40 0.23 -29.79
C TRP A 268 12.55 1.58 -29.10
N GLY A 269 13.73 1.86 -28.52
CA GLY A 269 14.10 3.17 -28.03
C GLY A 269 13.60 3.56 -26.66
N PHE A 270 13.12 2.61 -25.84
CA PHE A 270 12.69 2.92 -24.49
C PHE A 270 13.89 3.09 -23.56
N ARG A 271 13.69 3.87 -22.50
CA ARG A 271 14.57 3.78 -21.33
C ARG A 271 14.36 2.45 -20.66
N LYS A 272 15.40 1.96 -19.99
CA LYS A 272 15.36 0.63 -19.39
C LYS A 272 15.16 0.77 -17.90
N THR A 273 14.51 -0.25 -17.34
CA THR A 273 14.27 -0.35 -15.91
C THR A 273 15.33 -1.26 -15.31
N GLY A 274 16.12 -0.74 -14.38
CA GLY A 274 17.19 -1.53 -13.81
C GLY A 274 16.68 -2.81 -13.15
N LEU A 275 17.53 -3.83 -13.22
CA LEU A 275 17.19 -5.17 -12.75
C LEU A 275 18.30 -5.72 -11.87
N ILE A 276 17.92 -6.44 -10.81
CA ILE A 276 18.81 -7.27 -10.01
C ILE A 276 18.19 -8.65 -9.94
N ILE A 277 18.98 -9.70 -10.17
CA ILE A 277 18.47 -11.06 -10.01
C ILE A 277 19.08 -11.67 -8.76
N ILE A 278 18.25 -12.14 -7.86
CA ILE A 278 18.68 -12.75 -6.60
C ILE A 278 18.04 -14.12 -6.48
N ASP A 279 18.86 -15.15 -6.23
CA ASP A 279 18.35 -16.53 -6.23
C ASP A 279 17.58 -16.90 -4.96
N ASN A 280 18.01 -16.46 -3.79
CA ASN A 280 17.46 -16.96 -2.54
C ASN A 280 16.52 -15.91 -1.91
N ILE A 281 15.28 -16.30 -1.59
CA ILE A 281 14.30 -15.37 -1.05
C ILE A 281 14.79 -14.70 0.23
N ASP A 282 15.64 -15.38 1.01
CA ASP A 282 16.10 -14.73 2.25
C ASP A 282 17.10 -13.62 1.95
N ASP A 283 17.90 -13.78 0.89
CA ASP A 283 18.75 -12.68 0.45
C ASP A 283 17.93 -11.54 -0.14
N VAL A 284 16.83 -11.87 -0.84
CA VAL A 284 15.92 -10.83 -1.31
C VAL A 284 15.46 -9.96 -0.15
N LYS A 285 14.99 -10.62 0.92
CA LYS A 285 14.47 -9.90 2.08
C LYS A 285 15.56 -9.05 2.74
N ALA A 286 16.75 -9.63 2.93
CA ALA A 286 17.85 -8.90 3.57
C ALA A 286 18.28 -7.70 2.72
N PHE A 287 18.34 -7.89 1.40
CA PHE A 287 18.69 -6.79 0.51
C PHE A 287 17.72 -5.63 0.64
N LEU A 288 16.42 -5.94 0.63
CA LEU A 288 15.42 -4.88 0.66
C LEU A 288 15.44 -4.12 1.98
N GLU A 289 15.53 -4.85 3.11
CA GLU A 289 15.61 -4.16 4.40
C GLU A 289 16.88 -3.35 4.55
N GLU A 290 17.97 -3.76 3.91
CA GLU A 290 19.17 -2.92 3.96
C GLU A 290 18.97 -1.64 3.15
N VAL A 291 18.43 -1.75 1.92
CA VAL A 291 18.21 -0.54 1.12
C VAL A 291 17.23 0.37 1.84
N ALA A 292 16.26 -0.20 2.56
CA ALA A 292 15.28 0.59 3.28
C ALA A 292 15.93 1.48 4.34
N GLU A 293 17.16 1.18 4.77
CA GLU A 293 17.80 2.03 5.75
C GLU A 293 18.07 3.44 5.21
N THR A 294 18.29 3.58 3.90
CA THR A 294 18.57 4.88 3.30
C THR A 294 17.61 5.29 2.18
N GLY A 295 16.83 4.37 1.62
CA GLY A 295 16.05 4.71 0.44
C GLY A 295 16.88 4.98 -0.80
N ALA A 296 18.10 4.48 -0.83
CA ALA A 296 19.02 4.72 -1.92
C ALA A 296 19.80 3.44 -2.20
N HIS A 297 20.23 3.29 -3.46
CA HIS A 297 20.98 2.11 -3.88
C HIS A 297 21.82 2.49 -5.10
N ASP A 298 23.04 1.98 -5.16
CA ASP A 298 23.92 2.26 -6.31
C ASP A 298 24.13 3.75 -6.49
N GLY A 299 24.04 4.51 -5.40
CA GLY A 299 24.21 5.95 -5.50
C GLY A 299 23.08 6.72 -6.16
N ARG A 300 21.87 6.17 -6.25
CA ARG A 300 20.71 6.97 -6.63
C ARG A 300 19.61 6.74 -5.62
N ASP A 301 18.68 7.69 -5.55
CA ASP A 301 17.50 7.45 -4.74
C ASP A 301 16.63 6.41 -5.43
N VAL A 302 15.97 5.57 -4.63
CA VAL A 302 15.08 4.53 -5.15
C VAL A 302 13.81 4.55 -4.32
N GLU A 303 12.67 4.70 -4.97
CA GLU A 303 11.42 4.76 -4.24
C GLU A 303 10.90 3.37 -3.86
N GLY A 304 11.38 2.33 -4.52
CA GLY A 304 10.93 0.98 -4.20
C GLY A 304 11.39 -0.01 -5.24
N PHE A 305 11.01 -1.27 -5.03
CA PHE A 305 11.25 -2.32 -6.00
C PHE A 305 9.94 -3.06 -6.27
N VAL A 306 9.82 -3.57 -7.49
CA VAL A 306 8.79 -4.57 -7.82
C VAL A 306 9.51 -5.89 -8.01
N ILE A 307 9.13 -6.89 -7.24
CA ILE A 307 9.80 -8.18 -7.24
C ILE A 307 8.93 -9.18 -8.00
N ARG A 308 9.53 -9.86 -8.97
CA ARG A 308 8.79 -10.72 -9.89
C ARG A 308 9.29 -12.14 -9.73
N CYS A 309 8.37 -13.08 -9.56
CA CYS A 309 8.76 -14.47 -9.35
C CYS A 309 7.62 -15.34 -9.84
N LYS A 310 7.64 -16.61 -9.44
CA LYS A 310 6.60 -17.57 -9.76
C LYS A 310 5.98 -17.99 -8.44
N LYS A 311 4.66 -18.18 -8.48
CA LYS A 311 3.89 -18.51 -7.28
C LYS A 311 2.96 -19.67 -7.59
N SER A 312 2.82 -20.56 -6.61
CA SER A 312 1.87 -21.66 -6.65
C SER A 312 0.84 -21.47 -5.54
N THR A 313 -0.34 -22.08 -5.72
CA THR A 313 -1.38 -22.02 -4.70
C THR A 313 -1.14 -23.03 -3.58
N ASN A 314 -0.53 -24.17 -3.87
CA ASN A 314 -0.15 -25.15 -2.86
C ASN A 314 1.36 -25.15 -2.69
N PRO A 315 1.86 -24.82 -1.48
CA PRO A 315 3.31 -24.64 -1.30
C PRO A 315 4.12 -25.85 -1.77
N GLY A 316 5.13 -25.57 -2.59
CA GLY A 316 6.11 -26.55 -2.99
C GLY A 316 5.77 -27.32 -4.25
N VAL A 317 4.49 -27.59 -4.49
CA VAL A 317 4.08 -28.40 -5.63
C VAL A 317 3.14 -27.57 -6.51
N GLY A 318 2.42 -28.22 -7.43
CA GLY A 318 1.43 -27.55 -8.24
C GLY A 318 2.09 -26.80 -9.37
N PRO A 319 1.28 -26.18 -10.24
CA PRO A 319 1.83 -25.32 -11.29
C PRO A 319 2.10 -23.91 -10.77
N TYR A 320 3.06 -23.25 -11.41
CA TYR A 320 3.52 -21.93 -10.98
C TYR A 320 3.16 -20.89 -12.03
N HIS A 321 2.73 -19.71 -11.55
CA HIS A 321 2.27 -18.61 -12.39
C HIS A 321 3.07 -17.35 -12.05
N ASP A 322 3.20 -16.44 -13.02
CA ASP A 322 3.87 -15.15 -12.79
C ASP A 322 3.18 -14.42 -11.65
N TRP A 323 3.97 -13.85 -10.75
CA TRP A 323 3.35 -13.18 -9.64
C TRP A 323 4.33 -12.12 -9.13
N PHE A 324 3.81 -10.93 -8.83
CA PHE A 324 4.61 -9.78 -8.37
C PHE A 324 4.28 -9.46 -6.92
N PHE A 325 5.22 -8.86 -6.20
CA PHE A 325 4.89 -8.08 -5.01
C PHE A 325 5.78 -6.84 -5.00
N LYS A 326 5.43 -5.85 -4.17
CA LYS A 326 6.22 -4.63 -4.19
C LYS A 326 6.83 -4.40 -2.83
N TYR A 327 7.89 -3.61 -2.82
CA TYR A 327 8.54 -3.19 -1.59
C TYR A 327 8.80 -1.69 -1.76
N LYS A 328 7.96 -0.88 -1.15
CA LYS A 328 8.05 0.57 -1.23
C LYS A 328 8.77 1.08 0.02
N PHE A 329 9.70 2.02 -0.18
CA PHE A 329 10.49 2.56 0.93
C PHE A 329 9.76 3.75 1.54
N GLU A 330 9.72 3.79 2.87
CA GLU A 330 8.95 4.83 3.55
C GLU A 330 9.66 6.17 3.53
N GLU A 331 10.94 6.20 3.85
CA GLU A 331 11.67 7.45 3.99
C GLU A 331 12.86 7.51 3.04
N PRO A 332 13.23 8.72 2.55
CA PRO A 332 12.68 10.02 2.93
C PRO A 332 11.38 10.38 2.18
N TYR A 333 10.76 9.45 1.42
CA TYR A 333 9.66 9.83 0.54
C TYR A 333 8.40 10.24 1.31
N LEU A 334 8.13 9.65 2.48
CA LEU A 334 6.96 10.16 3.20
C LEU A 334 7.18 11.60 3.65
N MET A 335 8.39 11.94 4.10
CA MET A 335 8.64 13.30 4.52
C MET A 335 8.53 14.25 3.32
N TYR A 336 9.03 13.80 2.15
CA TYR A 336 8.95 14.61 0.93
C TYR A 336 7.50 14.87 0.56
N ARG A 337 6.63 13.86 0.73
CA ARG A 337 5.21 14.07 0.42
C ARG A 337 4.59 15.10 1.36
N GLN A 338 4.93 14.99 2.64
CA GLN A 338 4.52 16.02 3.59
C GLN A 338 5.00 17.40 3.15
N TRP A 339 6.27 17.52 2.76
CA TRP A 339 6.76 18.83 2.39
C TRP A 339 5.97 19.38 1.19
N ARG A 340 5.66 18.53 0.21
CA ARG A 340 4.90 18.98 -0.96
C ARG A 340 3.53 19.52 -0.54
N GLU A 341 2.82 18.79 0.32
CA GLU A 341 1.52 19.22 0.77
C GLU A 341 1.62 20.51 1.60
N CYS A 342 2.62 20.60 2.49
CA CYS A 342 2.76 21.82 3.26
C CYS A 342 3.03 23.02 2.38
N THR A 343 3.76 22.80 1.27
CA THR A 343 4.06 23.90 0.35
C THR A 343 2.79 24.40 -0.33
N LYS A 344 1.91 23.48 -0.71
CA LYS A 344 0.64 23.87 -1.31
C LYS A 344 -0.23 24.62 -0.31
N ALA A 345 -0.20 24.18 0.96
CA ALA A 345 -0.93 24.89 2.00
C ALA A 345 -0.37 26.29 2.18
N LEU A 346 0.95 26.43 2.08
CA LEU A 346 1.58 27.73 2.31
C LEU A 346 1.20 28.76 1.26
N ILE A 347 1.20 28.39 -0.03
CA ILE A 347 0.92 29.39 -1.05
C ILE A 347 -0.56 29.70 -1.13
N SER A 348 -1.42 28.83 -0.60
CA SER A 348 -2.85 29.05 -0.65
C SER A 348 -3.41 29.73 0.60
N GLY A 349 -2.59 30.00 1.60
CA GLY A 349 -3.08 30.55 2.84
C GLY A 349 -3.70 29.55 3.80
N LYS A 350 -3.49 28.26 3.60
CA LYS A 350 -4.01 27.28 4.55
C LYS A 350 -2.95 26.93 5.60
N GLN A 351 -3.43 26.28 6.66
CA GLN A 351 -2.57 25.76 7.72
C GLN A 351 -1.75 24.59 7.22
N PRO A 352 -0.42 24.63 7.31
CA PRO A 352 0.37 23.44 6.95
C PRO A 352 0.12 22.36 8.00
N LYS A 353 -0.12 21.13 7.53
CA LYS A 353 -0.40 20.00 8.42
C LYS A 353 0.89 19.21 8.62
N ILE A 354 1.52 19.38 9.79
CA ILE A 354 2.79 18.74 10.11
C ILE A 354 2.51 17.54 11.02
N LYS A 355 2.52 16.33 10.45
CA LYS A 355 2.24 15.10 11.20
C LYS A 355 3.50 14.57 11.88
N LYS A 356 4.59 14.48 11.11
CA LYS A 356 5.86 13.90 11.55
C LYS A 356 6.98 14.84 11.11
N HIS A 357 8.21 14.51 11.48
CA HIS A 357 9.37 15.31 11.08
C HIS A 357 9.17 16.78 11.41
N VAL A 358 8.79 17.05 12.65
CA VAL A 358 8.26 18.37 12.98
C VAL A 358 9.33 19.44 12.87
N LYS A 359 10.49 19.22 13.50
CA LYS A 359 11.52 20.26 13.51
C LYS A 359 12.02 20.58 12.11
N ILE A 360 12.33 19.56 11.31
CA ILE A 360 12.92 19.87 10.01
C ILE A 360 11.84 20.42 9.07
N THR A 361 10.57 20.00 9.23
CA THR A 361 9.50 20.57 8.39
C THR A 361 9.24 22.02 8.73
N GLU A 362 9.27 22.40 10.02
CA GLU A 362 9.15 23.82 10.32
C GLU A 362 10.30 24.62 9.73
N GLU A 363 11.52 24.05 9.74
CA GLU A 363 12.63 24.75 9.09
C GLU A 363 12.41 24.86 7.59
N TYR A 364 11.93 23.77 6.98
CA TYR A 364 11.62 23.80 5.55
C TYR A 364 10.61 24.90 5.23
N LEU A 365 9.59 25.09 6.07
CA LEU A 365 8.57 26.09 5.78
C LEU A 365 9.10 27.50 5.95
N LEU A 366 9.90 27.72 6.99
CA LEU A 366 10.56 29.01 7.12
C LEU A 366 11.43 29.30 5.90
N TYR A 367 12.16 28.30 5.45
CA TYR A 367 12.96 28.46 4.24
C TYR A 367 12.08 28.78 3.04
N ALA A 368 10.98 28.04 2.86
CA ALA A 368 10.09 28.28 1.74
C ALA A 368 9.48 29.67 1.82
N ARG A 369 9.10 30.11 3.04
CA ARG A 369 8.57 31.47 3.15
C ARG A 369 9.59 32.51 2.73
N LYS A 370 10.85 32.33 3.14
CA LYS A 370 11.89 33.28 2.71
C LYS A 370 12.05 33.27 1.20
N ARG A 371 12.05 32.08 0.58
CA ARG A 371 12.21 32.01 -0.88
C ARG A 371 11.04 32.70 -1.57
N LEU A 372 9.82 32.44 -1.08
CA LEU A 372 8.61 33.03 -1.67
C LEU A 372 8.59 34.54 -1.55
N ALA A 373 8.98 35.06 -0.39
CA ALA A 373 9.05 36.51 -0.24
C ALA A 373 10.09 37.11 -1.19
N ALA A 374 11.21 36.43 -1.38
CA ALA A 374 12.28 36.93 -2.25
C ALA A 374 11.93 36.81 -3.74
N ASP A 375 11.06 35.86 -4.12
CA ASP A 375 10.74 35.60 -5.52
C ASP A 375 9.25 35.24 -5.68
N PRO A 376 8.36 36.25 -5.67
CA PRO A 376 6.92 35.98 -5.70
C PRO A 376 6.44 35.06 -6.80
N LYS A 377 7.10 35.08 -7.97
CA LYS A 377 6.70 34.26 -9.11
C LYS A 377 6.80 32.75 -8.85
N LEU A 378 7.55 32.33 -7.82
CA LEU A 378 7.65 30.91 -7.53
C LEU A 378 6.28 30.34 -7.22
N ALA A 379 5.43 31.12 -6.53
CA ALA A 379 4.09 30.65 -6.15
C ALA A 379 3.27 30.25 -7.38
N LYS A 380 3.44 30.96 -8.50
CA LYS A 380 2.67 30.61 -9.70
C LYS A 380 3.16 29.30 -10.31
N LEU A 381 4.44 28.96 -10.13
CA LEU A 381 4.92 27.63 -10.50
C LEU A 381 4.35 26.57 -9.57
N TYR A 382 4.47 26.79 -8.26
CA TYR A 382 3.99 25.82 -7.30
C TYR A 382 2.48 25.64 -7.44
N ASN A 383 1.76 26.69 -7.86
CA ASN A 383 0.32 26.58 -8.12
C ASN A 383 0.01 25.47 -9.09
N GLN A 384 0.89 25.26 -10.06
CA GLN A 384 0.70 24.26 -11.10
C GLN A 384 1.40 22.96 -10.77
N ASN A 385 1.78 22.76 -9.49
CA ASN A 385 2.51 21.57 -9.05
C ASN A 385 3.84 21.38 -9.79
N HIS A 386 4.53 22.49 -10.09
CA HIS A 386 5.88 22.44 -10.64
C HIS A 386 6.85 23.23 -9.76
N GLY A 387 8.12 22.83 -9.78
CA GLY A 387 9.17 23.50 -9.00
C GLY A 387 9.25 23.05 -7.56
N ILE A 388 8.37 22.15 -7.14
CA ILE A 388 8.33 21.76 -5.72
C ILE A 388 9.43 20.76 -5.37
N ILE A 389 9.80 19.90 -6.31
CA ILE A 389 10.95 19.02 -6.10
C ILE A 389 12.23 19.85 -5.96
N LYS A 390 12.38 20.86 -6.83
CA LYS A 390 13.56 21.70 -6.78
C LYS A 390 13.64 22.49 -5.46
N LEU A 391 12.49 22.97 -4.97
CA LEU A 391 12.49 23.66 -3.67
C LEU A 391 13.00 22.76 -2.53
N ARG A 392 12.59 21.50 -2.54
CA ARG A 392 13.08 20.54 -1.53
C ARG A 392 14.58 20.35 -1.66
N ASN A 393 15.07 20.19 -2.89
CA ASN A 393 16.49 19.98 -3.09
C ASN A 393 17.28 21.25 -2.73
N ASP A 394 16.74 22.42 -3.04
CA ASP A 394 17.36 23.67 -2.58
C ASP A 394 17.48 23.69 -1.07
N PHE A 395 16.41 23.30 -0.38
CA PHE A 395 16.43 23.33 1.07
C PHE A 395 17.44 22.33 1.64
N LEU A 396 17.51 21.12 1.07
CA LEU A 396 18.52 20.15 1.49
C LEU A 396 19.94 20.67 1.23
N GLU A 397 20.13 21.39 0.11
CA GLU A 397 21.43 22.02 -0.18
C GLU A 397 21.74 23.08 0.87
N TYR A 398 20.77 23.94 1.16
CA TYR A 398 20.92 24.93 2.22
C TYR A 398 21.31 24.28 3.55
N LYS A 399 20.70 23.14 3.90
CA LYS A 399 21.02 22.40 5.12
C LYS A 399 22.27 21.54 5.02
N ASN A 400 22.89 21.45 3.84
CA ASN A 400 23.96 20.50 3.51
C ASN A 400 23.63 19.10 4.04
N MET A 401 22.42 18.62 3.75
CA MET A 401 21.94 17.31 4.20
C MET A 401 21.34 16.54 3.05
N LYS A 402 21.48 15.21 3.08
CA LYS A 402 20.67 14.35 2.23
C LYS A 402 19.28 14.19 2.84
N GLY A 403 18.29 13.87 1.99
CA GLY A 403 16.94 13.74 2.52
C GLY A 403 16.86 12.66 3.58
N THR A 404 17.64 11.57 3.43
CA THR A 404 17.55 10.49 4.39
C THR A 404 18.08 10.93 5.74
N ASP A 405 19.08 11.81 5.76
CA ASP A 405 19.57 12.39 7.02
C ASP A 405 18.54 13.32 7.62
N ALA A 406 17.91 14.15 6.79
CA ALA A 406 16.86 15.04 7.26
C ALA A 406 15.70 14.25 7.87
N ALA A 407 15.32 13.14 7.23
CA ALA A 407 14.23 12.31 7.75
C ALA A 407 14.59 11.55 9.02
N ASN A 408 15.88 11.45 9.37
CA ASN A 408 16.31 10.81 10.62
C ASN A 408 16.58 11.81 11.75
N LEU A 409 16.38 13.10 11.53
CA LEU A 409 16.62 14.06 12.60
C LEU A 409 15.62 13.79 13.73
N GLU A 410 14.37 13.59 13.39
CA GLU A 410 13.38 13.17 14.37
C GLU A 410 13.46 11.66 14.51
N ASP A 411 13.73 11.21 15.72
CA ASP A 411 14.04 9.82 16.01
C ASP A 411 13.69 9.63 17.47
N ASP A 412 12.67 8.85 17.74
CA ASP A 412 12.30 8.50 19.12
C ASP A 412 12.98 7.22 19.60
N GLY A 413 13.97 6.70 18.87
CA GLY A 413 14.64 5.46 19.24
C GLY A 413 13.83 4.20 18.98
N ALA A 414 12.71 4.30 18.27
CA ALA A 414 11.83 3.16 18.04
C ALA A 414 12.54 1.97 17.43
N ALA A 415 13.51 2.21 16.53
CA ALA A 415 14.16 1.09 15.87
C ALA A 415 14.88 0.19 16.87
N SER A 416 15.25 0.72 18.02
CA SER A 416 15.99 -0.02 19.02
C SER A 416 15.11 -0.62 20.12
N VAL A 417 13.82 -0.29 20.15
CA VAL A 417 12.93 -0.79 21.21
C VAL A 417 12.79 -2.30 21.13
N THR A 418 12.91 -2.97 22.27
CA THR A 418 12.61 -4.40 22.34
C THR A 418 11.59 -4.77 23.42
N ARG A 419 11.20 -3.85 24.30
CA ARG A 419 10.35 -4.18 25.43
C ARG A 419 9.74 -2.90 25.99
N ASP A 420 8.98 -3.05 27.09
CA ASP A 420 8.27 -1.95 27.76
C ASP A 420 7.28 -1.25 26.84
N ILE A 421 6.54 -2.05 26.08
CA ILE A 421 5.43 -1.55 25.26
C ILE A 421 4.11 -1.82 25.98
N ILE A 422 3.24 -0.80 26.07
CA ILE A 422 1.90 -0.94 26.61
C ILE A 422 0.90 -0.70 25.45
N LEU A 423 0.04 -1.68 25.18
CA LEU A 423 -0.98 -1.54 24.14
C LEU A 423 -2.27 -1.05 24.79
N VAL A 424 -2.86 0.01 24.24
CA VAL A 424 -3.95 0.72 24.89
C VAL A 424 -5.14 0.76 23.93
N PRO A 425 -6.14 -0.10 24.13
CA PRO A 425 -7.34 0.00 23.29
C PRO A 425 -8.07 1.31 23.52
N ILE A 426 -8.67 1.84 22.45
CA ILE A 426 -9.57 2.99 22.49
C ILE A 426 -10.80 2.48 21.76
N ALA A 427 -11.86 2.13 22.50
CA ALA A 427 -12.89 1.28 21.92
C ALA A 427 -14.20 1.46 22.68
N THR A 428 -15.20 0.67 22.28
CA THR A 428 -16.45 0.51 23.01
C THR A 428 -16.65 -0.97 23.24
N ILE A 429 -17.76 -1.35 23.89
CA ILE A 429 -17.96 -2.75 24.23
C ILE A 429 -18.14 -3.57 22.96
N GLY A 430 -17.52 -4.75 22.94
CA GLY A 430 -17.75 -5.70 21.87
C GLY A 430 -16.90 -5.50 20.64
N CYS A 431 -15.89 -4.64 20.70
CA CYS A 431 -14.97 -4.42 19.58
C CYS A 431 -13.95 -5.56 19.44
N GLY A 432 -13.91 -6.51 20.38
CA GLY A 432 -12.93 -7.57 20.38
C GLY A 432 -11.67 -7.34 21.19
N LYS A 433 -11.65 -6.36 22.11
CA LYS A 433 -10.41 -6.06 22.85
C LYS A 433 -9.90 -7.30 23.59
N THR A 434 -10.76 -7.91 24.43
CA THR A 434 -10.31 -9.01 25.27
C THR A 434 -9.89 -10.19 24.39
N THR A 435 -10.65 -10.43 23.31
CA THR A 435 -10.29 -11.49 22.37
C THR A 435 -8.90 -11.24 21.79
N LEU A 436 -8.64 -10.01 21.36
CA LEU A 436 -7.31 -9.66 20.84
C LEU A 436 -6.24 -9.83 21.91
N GLY A 437 -6.50 -9.38 23.14
CA GLY A 437 -5.49 -9.54 24.18
C GLY A 437 -5.13 -11.00 24.42
N VAL A 438 -6.12 -11.89 24.45
CA VAL A 438 -5.88 -13.31 24.67
C VAL A 438 -5.07 -13.89 23.52
N ALA A 439 -5.43 -13.52 22.29
CA ALA A 439 -4.70 -14.01 21.12
C ALA A 439 -3.24 -13.55 21.12
N LEU A 440 -2.99 -12.31 21.54
CA LEU A 440 -1.60 -11.83 21.57
C LEU A 440 -0.79 -12.54 22.64
N THR A 441 -1.41 -12.88 23.76
CA THR A 441 -0.74 -13.68 24.78
C THR A 441 -0.40 -15.08 24.28
N LYS A 442 -1.34 -15.69 23.56
CA LYS A 442 -1.06 -16.99 22.96
C LYS A 442 0.10 -16.93 21.98
N LEU A 443 0.17 -15.87 21.17
CA LEU A 443 1.23 -15.79 20.16
C LEU A 443 2.57 -15.38 20.76
N PHE A 444 2.59 -14.41 21.68
CA PHE A 444 3.83 -13.77 22.05
C PHE A 444 4.17 -13.91 23.53
N GLY A 445 3.25 -14.37 24.36
CA GLY A 445 3.43 -14.45 25.80
C GLY A 445 3.31 -13.12 26.54
N TRP A 446 2.75 -12.09 25.90
CA TRP A 446 2.64 -10.76 26.48
C TRP A 446 1.64 -10.74 27.64
N GLY A 447 1.78 -9.73 28.50
CA GLY A 447 0.87 -9.61 29.62
C GLY A 447 -0.52 -9.12 29.19
N HIS A 448 -1.49 -9.32 30.07
CA HIS A 448 -2.86 -8.91 29.78
C HIS A 448 -3.52 -8.57 31.11
N ILE A 449 -3.83 -7.29 31.33
CA ILE A 449 -4.52 -6.86 32.54
C ILE A 449 -5.93 -6.45 32.15
N GLN A 450 -6.92 -7.03 32.81
CA GLN A 450 -8.31 -6.80 32.45
C GLN A 450 -8.93 -5.89 33.50
N ASN A 451 -9.28 -4.67 33.10
CA ASN A 451 -10.02 -3.81 34.02
C ASN A 451 -11.29 -4.49 34.55
N ASP A 452 -11.89 -5.34 33.74
CA ASP A 452 -13.08 -6.07 34.18
C ASP A 452 -12.83 -6.91 35.42
N ASN A 453 -11.58 -7.30 35.72
CA ASN A 453 -11.32 -8.11 36.90
C ASN A 453 -11.05 -7.27 38.14
N ILE A 454 -11.10 -5.96 38.03
CA ILE A 454 -10.83 -5.09 39.16
C ILE A 454 -12.17 -4.51 39.62
N THR A 455 -12.44 -4.58 40.92
CA THR A 455 -13.68 -4.06 41.48
C THR A 455 -13.36 -3.09 42.61
N GLY A 456 -14.32 -2.23 42.93
CA GLY A 456 -14.20 -1.35 44.07
C GLY A 456 -13.68 0.04 43.72
N SER A 457 -13.14 0.71 44.74
CA SER A 457 -12.71 2.08 44.55
C SER A 457 -11.30 2.15 43.94
N LYS A 458 -10.91 3.36 43.55
CA LYS A 458 -9.56 3.62 43.05
C LYS A 458 -9.21 2.73 41.88
N ARG A 459 -10.19 2.37 41.05
CA ARG A 459 -9.88 1.43 39.98
C ARG A 459 -8.87 1.95 38.96
N PRO A 460 -8.94 3.18 38.45
CA PRO A 460 -8.00 3.57 37.40
C PRO A 460 -6.54 3.57 37.85
N PRO A 461 -6.19 4.09 39.05
CA PRO A 461 -4.78 3.95 39.49
C PRO A 461 -4.36 2.51 39.75
N ARG A 462 -5.23 1.67 40.31
CA ARG A 462 -4.86 0.27 40.51
C ARG A 462 -4.70 -0.48 39.20
N PHE A 463 -5.63 -0.28 38.26
CA PHE A 463 -5.47 -0.83 36.91
C PHE A 463 -4.12 -0.42 36.33
N THR A 464 -3.80 0.87 36.43
CA THR A 464 -2.59 1.39 35.80
C THR A 464 -1.35 0.77 36.44
N LYS A 465 -1.34 0.68 37.77
CA LYS A 465 -0.20 0.09 38.44
C LYS A 465 -0.06 -1.38 38.11
N ALA A 466 -1.18 -2.12 38.02
CA ALA A 466 -1.07 -3.53 37.60
C ALA A 466 -0.53 -3.65 36.19
N VAL A 467 -0.95 -2.77 35.28
CA VAL A 467 -0.41 -2.80 33.92
C VAL A 467 1.08 -2.61 33.95
N LEU A 468 1.53 -1.58 34.66
CA LEU A 468 2.96 -1.33 34.80
C LEU A 468 3.69 -2.55 35.34
N ASP A 469 3.13 -3.21 36.35
CA ASP A 469 3.92 -4.22 37.06
C ASP A 469 4.05 -5.49 36.23
N GLU A 470 3.18 -5.68 35.24
CA GLU A 470 3.26 -6.80 34.31
C GLU A 470 4.54 -6.73 33.50
N LEU A 471 5.13 -5.54 33.34
CA LEU A 471 6.38 -5.42 32.62
C LEU A 471 7.54 -6.05 33.36
N ASN A 472 7.36 -6.50 34.62
CA ASN A 472 8.41 -7.21 35.34
C ASN A 472 8.71 -8.56 34.69
N GLU A 473 7.69 -9.20 34.14
CA GLU A 473 7.83 -10.55 33.61
C GLU A 473 7.59 -10.63 32.11
N HIS A 474 7.06 -9.58 31.49
CA HIS A 474 6.69 -9.61 30.08
C HIS A 474 7.29 -8.40 29.38
N PRO A 475 7.67 -8.55 28.10
CA PRO A 475 8.13 -7.40 27.33
C PRO A 475 7.03 -6.44 26.92
N ALA A 476 5.77 -6.84 26.97
CA ALA A 476 4.69 -5.96 26.59
C ALA A 476 3.46 -6.38 27.40
N VAL A 477 2.51 -5.47 27.53
CA VAL A 477 1.30 -5.75 28.28
C VAL A 477 0.10 -5.14 27.56
N PHE A 478 -0.97 -5.92 27.43
CA PHE A 478 -2.24 -5.45 26.84
C PHE A 478 -3.08 -4.83 27.97
N ALA A 479 -3.26 -3.52 27.93
CA ALA A 479 -3.97 -2.82 29.00
C ALA A 479 -5.46 -2.79 28.64
N ASP A 480 -6.18 -3.80 29.10
CA ASP A 480 -7.52 -4.09 28.57
C ASP A 480 -8.57 -3.27 29.31
N ARG A 481 -8.91 -2.12 28.72
CA ARG A 481 -9.92 -1.20 29.20
C ARG A 481 -10.44 -0.46 27.97
N ASN A 482 -11.71 0.00 28.01
CA ASN A 482 -12.27 0.67 26.84
C ASN A 482 -11.56 1.99 26.50
N ASN A 483 -11.26 2.80 27.52
CA ASN A 483 -10.70 4.16 27.29
C ASN A 483 -11.53 4.95 26.28
N SER A 484 -12.86 4.84 26.36
CA SER A 484 -13.70 5.54 25.38
C SER A 484 -13.66 7.06 25.55
N MET A 485 -13.33 7.58 26.73
CA MET A 485 -13.29 9.02 26.97
C MET A 485 -11.84 9.53 26.94
N ARG A 486 -11.64 10.76 26.44
CA ARG A 486 -10.29 11.33 26.39
C ARG A 486 -9.65 11.39 27.78
N GLN A 487 -10.44 11.68 28.82
CA GLN A 487 -9.87 11.81 30.16
C GLN A 487 -9.23 10.51 30.65
N GLU A 488 -9.64 9.35 30.12
CA GLU A 488 -9.04 8.09 30.52
C GLU A 488 -7.69 7.88 29.87
N ARG A 489 -7.56 8.28 28.61
CA ARG A 489 -6.24 8.25 27.98
C ARG A 489 -5.30 9.25 28.65
N LYS A 490 -5.80 10.45 28.96
CA LYS A 490 -4.97 11.42 29.68
C LYS A 490 -4.47 10.85 31.01
N GLN A 491 -5.38 10.27 31.80
CA GLN A 491 -5.03 9.62 33.07
C GLN A 491 -3.95 8.54 32.86
N LEU A 492 -4.17 7.65 31.90
CA LEU A 492 -3.22 6.54 31.72
C LEU A 492 -1.87 7.05 31.23
N LEU A 493 -1.88 7.94 30.24
CA LEU A 493 -0.65 8.53 29.73
C LEU A 493 0.13 9.24 30.83
N THR A 494 -0.56 10.07 31.63
CA THR A 494 0.12 10.82 32.66
C THR A 494 0.70 9.91 33.72
N ASP A 495 -0.08 8.94 34.19
CA ASP A 495 0.37 8.12 35.32
C ASP A 495 1.47 7.15 34.92
N VAL A 496 1.47 6.69 33.67
CA VAL A 496 2.54 5.80 33.22
C VAL A 496 3.83 6.59 33.04
N LYS A 497 3.76 7.74 32.39
CA LYS A 497 4.97 8.52 32.16
C LYS A 497 5.60 9.00 33.47
N MET A 498 4.77 9.28 34.47
CA MET A 498 5.22 9.65 35.81
C MET A 498 6.01 8.52 36.48
N GLN A 499 5.59 7.28 36.28
CA GLN A 499 6.12 6.14 37.00
C GLN A 499 7.10 5.30 36.19
N HIS A 500 7.20 5.51 34.88
CA HIS A 500 8.02 4.61 34.05
C HIS A 500 8.54 5.42 32.87
N THR A 501 9.81 5.78 32.95
CA THR A 501 10.37 6.75 32.01
C THR A 501 10.61 6.17 30.61
N THR A 502 10.64 4.84 30.42
CA THR A 502 10.91 4.33 29.08
C THR A 502 9.75 3.57 28.44
N ALA A 503 8.66 3.31 29.16
CA ALA A 503 7.49 2.70 28.54
C ALA A 503 7.00 3.51 27.36
N ARG A 504 6.67 2.81 26.27
CA ARG A 504 6.03 3.37 25.08
C ARG A 504 4.57 2.91 25.02
N LEU A 505 3.63 3.86 24.91
CA LEU A 505 2.21 3.54 24.86
C LEU A 505 1.72 3.61 23.42
N VAL A 506 1.12 2.52 22.97
CA VAL A 506 0.63 2.37 21.62
C VAL A 506 -0.89 2.25 21.68
N ALA A 507 -1.60 3.24 21.13
CA ALA A 507 -3.06 3.16 21.10
C ALA A 507 -3.50 2.19 20.02
N LEU A 508 -4.48 1.33 20.35
CA LEU A 508 -5.16 0.48 19.36
C LEU A 508 -6.53 1.13 19.22
N HIS A 509 -6.65 2.04 18.26
CA HIS A 509 -7.86 2.84 18.10
C HIS A 509 -8.85 2.10 17.20
N PHE A 510 -9.95 1.63 17.79
CA PHE A 510 -11.04 1.08 17.00
C PHE A 510 -11.85 2.23 16.41
N VAL A 511 -11.78 2.38 15.09
CA VAL A 511 -12.31 3.57 14.45
C VAL A 511 -13.82 3.42 14.41
N HIS A 512 -14.54 4.39 14.97
CA HIS A 512 -16.00 4.34 15.01
C HIS A 512 -16.64 5.25 13.97
N ASP A 513 -15.93 5.60 12.89
CA ASP A 513 -16.49 6.45 11.84
C ASP A 513 -17.81 5.90 11.29
N ASP A 514 -17.80 4.61 10.93
CA ASP A 514 -18.95 3.92 10.34
C ASP A 514 -19.89 3.42 11.44
N ILE A 515 -20.51 4.38 12.15
CA ILE A 515 -21.03 4.11 13.49
C ILE A 515 -22.23 3.14 13.46
N ASN A 516 -23.08 3.19 12.44
CA ASN A 516 -24.20 2.27 12.49
C ASN A 516 -23.80 0.84 12.10
N THR A 517 -22.79 0.67 11.26
CA THR A 517 -22.24 -0.68 11.05
C THR A 517 -21.53 -1.18 12.30
N VAL A 518 -20.81 -0.30 13.00
CA VAL A 518 -20.18 -0.68 14.27
C VAL A 518 -21.24 -1.20 15.23
N ARG A 519 -22.34 -0.45 15.37
CA ARG A 519 -23.41 -0.83 16.30
C ARG A 519 -23.91 -2.24 16.03
N LYS A 520 -24.21 -2.55 14.76
CA LYS A 520 -24.72 -3.87 14.39
C LYS A 520 -23.71 -4.97 14.71
N VAL A 521 -22.44 -4.77 14.34
CA VAL A 521 -21.46 -5.84 14.50
C VAL A 521 -21.20 -6.11 15.98
N THR A 522 -20.98 -5.05 16.77
CA THR A 522 -20.68 -5.23 18.19
C THR A 522 -21.89 -5.77 18.94
N GLN A 523 -23.09 -5.24 18.63
CA GLN A 523 -24.26 -5.67 19.36
C GLN A 523 -24.61 -7.12 19.05
N GLU A 524 -24.41 -7.56 17.81
CA GLU A 524 -24.57 -8.98 17.49
C GLU A 524 -23.62 -9.85 18.32
N ARG A 525 -22.35 -9.45 18.42
CA ARG A 525 -21.38 -10.22 19.20
C ARG A 525 -21.76 -10.33 20.66
N VAL A 526 -22.16 -9.22 21.28
CA VAL A 526 -22.44 -9.23 22.71
C VAL A 526 -23.74 -9.96 23.00
N ILE A 527 -24.77 -9.72 22.19
CA ILE A 527 -26.06 -10.35 22.45
C ILE A 527 -25.95 -11.86 22.27
N GLN A 528 -25.24 -12.30 21.22
CA GLN A 528 -25.21 -13.71 20.85
C GLN A 528 -24.16 -14.49 21.64
N ARG A 529 -22.99 -13.90 21.89
CA ARG A 529 -21.84 -14.62 22.46
C ARG A 529 -21.32 -14.02 23.76
N GLY A 530 -21.91 -12.93 24.25
CA GLY A 530 -21.62 -12.46 25.60
C GLY A 530 -20.38 -11.61 25.69
N ASP A 531 -20.17 -11.05 26.87
CA ASP A 531 -19.04 -10.14 27.07
C ASP A 531 -18.81 -10.01 28.57
N ASN A 532 -17.55 -10.00 29.03
CA ASN A 532 -17.35 -9.85 30.48
C ASN A 532 -17.25 -8.44 30.99
N HIS A 533 -17.46 -7.39 30.18
CA HIS A 533 -17.59 -6.07 30.76
C HIS A 533 -18.54 -6.13 31.94
N GLN A 534 -18.19 -5.44 33.03
CA GLN A 534 -18.94 -5.62 34.27
C GLN A 534 -20.40 -5.19 34.13
N THR A 535 -20.66 -4.14 33.36
CA THR A 535 -22.05 -3.71 33.19
C THR A 535 -22.83 -4.68 32.32
N ILE A 536 -22.16 -5.31 31.35
CA ILE A 536 -22.80 -6.35 30.57
C ILE A 536 -23.10 -7.57 31.45
N GLN A 537 -22.14 -7.94 32.32
CA GLN A 537 -22.33 -9.12 33.16
C GLN A 537 -23.46 -8.96 34.15
N ALA A 538 -23.89 -7.73 34.43
CA ALA A 538 -25.07 -7.53 35.28
C ALA A 538 -26.33 -7.19 34.48
N ALA A 539 -26.26 -7.15 33.14
CA ALA A 539 -27.43 -6.85 32.34
C ALA A 539 -28.33 -8.07 32.24
N THR A 540 -29.60 -7.92 32.60
CA THR A 540 -30.52 -9.06 32.66
C THR A 540 -31.45 -9.17 31.45
N ASP A 541 -31.26 -8.35 30.41
CA ASP A 541 -32.04 -8.54 29.19
C ASP A 541 -31.39 -7.75 28.07
N VAL A 542 -31.81 -8.08 26.84
CA VAL A 542 -31.20 -7.54 25.64
C VAL A 542 -31.36 -6.03 25.55
N ASN A 543 -32.47 -5.48 26.07
CA ASN A 543 -32.69 -4.04 26.04
C ASN A 543 -31.74 -3.33 26.99
N LYS A 544 -31.48 -3.92 28.15
CA LYS A 544 -30.45 -3.39 29.03
C LYS A 544 -29.08 -3.47 28.37
N VAL A 545 -28.78 -4.59 27.70
CA VAL A 545 -27.50 -4.70 27.00
C VAL A 545 -27.36 -3.57 25.99
N ILE A 546 -28.37 -3.41 25.13
CA ILE A 546 -28.28 -2.42 24.06
C ILE A 546 -28.14 -1.00 24.65
N GLY A 547 -28.95 -0.69 25.66
CA GLY A 547 -28.82 0.62 26.29
C GLY A 547 -27.45 0.87 26.90
N ILE A 548 -26.88 -0.13 27.58
CA ILE A 548 -25.52 0.00 28.09
C ILE A 548 -24.53 0.26 26.95
N MET A 549 -24.67 -0.50 25.87
CA MET A 549 -23.76 -0.39 24.74
C MET A 549 -23.88 0.99 24.10
N GLU A 550 -25.12 1.46 23.88
CA GLU A 550 -25.33 2.80 23.34
C GLU A 550 -24.75 3.89 24.26
N GLY A 551 -24.75 3.64 25.58
CA GLY A 551 -24.09 4.55 26.50
C GLY A 551 -22.62 4.75 26.19
N PHE A 552 -21.87 3.66 26.01
CA PHE A 552 -20.46 3.81 25.66
C PHE A 552 -20.29 4.48 24.29
N ILE A 553 -21.17 4.16 23.34
CA ILE A 553 -21.13 4.80 22.02
C ILE A 553 -21.30 6.31 22.16
N HIS A 554 -22.30 6.73 22.91
CA HIS A 554 -22.56 8.15 23.09
C HIS A 554 -21.39 8.85 23.76
N ARG A 555 -20.76 8.20 24.75
CA ARG A 555 -19.64 8.84 25.41
C ARG A 555 -18.34 8.78 24.62
N PHE A 556 -18.29 8.01 23.52
CA PHE A 556 -17.01 7.70 22.87
C PHE A 556 -16.39 8.92 22.23
N GLU A 557 -15.10 9.13 22.50
CA GLU A 557 -14.35 10.21 21.86
C GLU A 557 -13.22 9.62 21.04
N PRO A 558 -13.23 9.85 19.73
CA PRO A 558 -12.21 9.27 18.86
C PRO A 558 -10.80 9.66 19.28
N CYS A 559 -9.87 8.76 19.04
CA CYS A 559 -8.45 9.06 19.18
C CYS A 559 -8.05 10.10 18.14
N ASP A 560 -7.47 11.19 18.61
CA ASP A 560 -7.01 12.27 17.74
C ASP A 560 -5.57 12.57 18.11
N PRO A 561 -4.60 11.98 17.42
CA PRO A 561 -3.20 12.15 17.82
C PRO A 561 -2.64 13.52 17.46
N GLU A 562 -3.42 14.40 16.86
CA GLU A 562 -3.01 15.79 16.72
C GLU A 562 -3.47 16.68 17.85
N LYS A 563 -4.28 16.19 18.79
CA LYS A 563 -4.64 17.00 19.95
C LYS A 563 -4.26 16.28 21.24
N ASP A 564 -4.23 17.05 22.31
CA ASP A 564 -4.13 16.47 23.64
C ASP A 564 -5.47 15.83 24.00
N PRO A 565 -5.47 14.64 24.66
CA PRO A 565 -4.34 13.89 25.20
C PRO A 565 -3.74 12.85 24.24
N ASP A 566 -4.42 12.43 23.16
CA ASP A 566 -3.95 11.31 22.34
C ASP A 566 -2.62 11.60 21.65
N GLU A 567 -2.25 12.87 21.58
CA GLU A 567 -0.94 13.27 21.07
C GLU A 567 0.20 12.63 21.86
N GLY A 568 -0.06 12.28 23.12
CA GLY A 568 0.96 11.67 23.97
C GLY A 568 1.30 10.22 23.64
N PHE A 569 0.49 9.54 22.83
CA PHE A 569 0.80 8.16 22.51
C PHE A 569 2.05 8.13 21.64
N ASP A 570 2.86 7.12 21.86
CA ASP A 570 4.04 6.90 21.05
C ASP A 570 3.68 6.54 19.61
N ALA A 571 2.53 5.87 19.44
CA ALA A 571 2.07 5.51 18.10
C ALA A 571 0.59 5.21 18.21
N VAL A 572 -0.11 5.29 17.09
CA VAL A 572 -1.52 4.92 17.06
C VAL A 572 -1.74 3.94 15.92
N ILE A 573 -2.45 2.83 16.19
CA ILE A 573 -2.74 1.82 15.18
C ILE A 573 -4.24 1.83 14.98
N ASP A 574 -4.70 2.11 13.76
CA ASP A 574 -6.15 2.15 13.52
C ASP A 574 -6.68 0.75 13.26
N LEU A 575 -7.74 0.38 13.97
CA LEU A 575 -8.40 -0.91 13.81
C LEU A 575 -9.84 -0.67 13.43
N ASP A 576 -10.53 -1.74 13.03
CA ASP A 576 -11.88 -1.65 12.46
C ASP A 576 -12.82 -2.54 13.27
N PRO A 577 -13.69 -1.98 14.12
CA PRO A 577 -14.63 -2.82 14.87
C PRO A 577 -15.62 -3.57 14.00
N THR A 578 -15.80 -3.17 12.73
CA THR A 578 -16.69 -3.89 11.83
C THR A 578 -16.02 -5.11 11.24
N ALA A 579 -14.70 -5.21 11.35
CA ALA A 579 -13.92 -6.32 10.85
C ALA A 579 -13.85 -7.39 11.94
N GLY A 580 -13.53 -8.60 11.54
CA GLY A 580 -13.32 -9.64 12.53
C GLY A 580 -12.06 -9.41 13.36
N SER A 581 -12.04 -10.02 14.54
CA SER A 581 -10.85 -9.98 15.39
C SER A 581 -9.66 -10.65 14.71
N ARG A 582 -9.88 -11.67 13.86
CA ARG A 582 -8.75 -12.23 13.11
C ARG A 582 -8.08 -11.18 12.20
N GLU A 583 -8.87 -10.32 11.55
CA GLU A 583 -8.26 -9.27 10.72
C GLU A 583 -7.61 -8.19 11.57
N ASN A 584 -8.26 -7.79 12.68
CA ASN A 584 -7.63 -6.78 13.54
C ASN A 584 -6.37 -7.31 14.19
N LEU A 585 -6.32 -8.61 14.47
CA LEU A 585 -5.09 -9.20 15.02
C LEU A 585 -3.91 -9.02 14.07
N GLU A 586 -4.11 -9.30 12.77
CA GLU A 586 -2.96 -9.21 11.88
C GLU A 586 -2.58 -7.75 11.62
N VAL A 587 -3.54 -6.83 11.63
CA VAL A 587 -3.23 -5.40 11.50
C VAL A 587 -2.35 -4.94 12.68
N VAL A 588 -2.72 -5.35 13.90
CA VAL A 588 -1.95 -5.00 15.10
C VAL A 588 -0.51 -5.46 14.96
N ILE A 589 -0.33 -6.74 14.62
CA ILE A 589 1.01 -7.31 14.56
C ILE A 589 1.82 -6.69 13.42
N ARG A 590 1.21 -6.57 12.25
CA ARG A 590 1.92 -5.98 11.11
C ARG A 590 2.36 -4.56 11.42
N GLU A 591 1.50 -3.79 12.08
CA GLU A 591 1.84 -2.39 12.36
C GLU A 591 2.89 -2.29 13.47
N LEU A 592 2.80 -3.16 14.49
CA LEU A 592 3.81 -3.19 15.54
C LEU A 592 5.17 -3.55 14.95
N HIS A 593 5.18 -4.46 13.99
CA HIS A 593 6.42 -4.86 13.34
C HIS A 593 7.00 -3.70 12.56
N ARG A 594 6.14 -3.00 11.83
CA ARG A 594 6.59 -1.85 11.05
C ARG A 594 7.11 -0.73 11.94
N LEU A 595 6.42 -0.47 13.06
CA LEU A 595 6.83 0.62 13.95
C LEU A 595 8.03 0.26 14.80
N TYR A 596 8.10 -0.98 15.27
CA TYR A 596 9.10 -1.44 16.23
C TYR A 596 9.71 -2.74 15.72
N PRO A 597 10.53 -2.67 14.67
CA PRO A 597 11.01 -3.92 14.04
C PRO A 597 11.92 -4.75 14.90
N ASN A 598 12.42 -4.23 16.01
CA ASN A 598 13.19 -5.09 16.89
C ASN A 598 12.37 -5.64 18.03
N PHE A 599 11.11 -5.21 18.15
CA PHE A 599 10.18 -5.66 19.18
C PHE A 599 9.37 -6.83 18.66
N VAL A 600 8.65 -6.63 17.55
CA VAL A 600 8.07 -7.72 16.77
C VAL A 600 8.98 -7.90 15.55
N LYS A 601 9.84 -8.92 15.59
CA LYS A 601 10.88 -9.05 14.60
C LYS A 601 10.36 -9.59 13.28
N GLU A 602 9.32 -10.42 13.31
CA GLU A 602 8.63 -10.89 12.09
C GLU A 602 7.16 -11.13 12.44
N VAL A 603 6.29 -10.97 11.45
CA VAL A 603 4.88 -11.30 11.62
C VAL A 603 4.73 -12.83 11.56
N PRO A 604 4.13 -13.44 12.56
CA PRO A 604 3.94 -14.90 12.55
C PRO A 604 3.19 -15.32 11.31
N PRO A 605 3.31 -16.59 10.91
CA PRO A 605 2.54 -17.08 9.76
C PRO A 605 1.03 -16.99 9.98
N ALA A 606 0.30 -16.99 8.86
CA ALA A 606 -1.16 -16.91 8.93
C ALA A 606 -1.75 -18.03 9.76
N GLU A 607 -1.13 -19.21 9.72
CA GLU A 607 -1.67 -20.36 10.45
C GLU A 607 -1.59 -20.15 11.95
N ALA A 608 -0.52 -19.50 12.42
CA ALA A 608 -0.37 -19.24 13.86
C ALA A 608 -1.40 -18.21 14.36
N MET A 609 -1.62 -17.14 13.59
CA MET A 609 -2.66 -16.17 13.95
C MET A 609 -4.05 -16.81 13.90
N ASP A 610 -4.27 -17.71 12.93
CA ASP A 610 -5.51 -18.51 12.92
C ASP A 610 -5.65 -19.31 14.21
N GLU A 611 -4.58 -19.98 14.64
CA GLU A 611 -4.71 -20.81 15.83
C GLU A 611 -4.87 -19.95 17.08
N ALA A 612 -4.21 -18.79 17.10
CA ALA A 612 -4.32 -17.86 18.22
C ALA A 612 -5.77 -17.39 18.40
N ILE A 613 -6.42 -17.02 17.30
CA ILE A 613 -7.78 -16.52 17.38
C ILE A 613 -8.73 -17.65 17.76
N LYS A 614 -8.50 -18.85 17.21
CA LYS A 614 -9.37 -19.99 17.56
C LYS A 614 -9.24 -20.31 19.04
N PHE A 615 -8.00 -20.37 19.54
CA PHE A 615 -7.79 -20.52 20.98
C PHE A 615 -8.47 -19.41 21.77
N ALA A 616 -8.34 -18.16 21.33
CA ALA A 616 -8.97 -17.06 22.05
C ALA A 616 -10.48 -17.25 22.18
N MET A 617 -11.16 -17.63 21.09
CA MET A 617 -12.61 -17.68 21.27
C MET A 617 -13.12 -18.99 21.86
N GLU A 618 -12.28 -20.01 21.97
CA GLU A 618 -12.69 -21.22 22.68
C GLU A 618 -12.34 -21.15 24.17
N SER A 619 -11.20 -20.55 24.52
CA SER A 619 -10.83 -20.44 25.92
C SER A 619 -11.57 -19.30 26.60
N TYR A 620 -11.84 -18.22 25.89
CA TYR A 620 -12.57 -17.08 26.41
C TYR A 620 -14.02 -17.10 25.91
N LYS A 621 -14.91 -17.64 26.75
CA LYS A 621 -16.35 -17.71 26.46
C LYS A 621 -17.09 -17.19 27.68
N PRO A 622 -17.44 -15.90 27.72
CA PRO A 622 -18.16 -15.37 28.89
C PRO A 622 -19.60 -15.90 28.96
N ASP A 623 -20.18 -15.85 30.16
CA ASP A 623 -21.57 -16.26 30.29
C ASP A 623 -22.52 -15.13 29.89
N LEU A 624 -23.67 -15.51 29.34
CA LEU A 624 -24.72 -14.57 28.97
C LEU A 624 -25.74 -14.52 30.10
N ARG A 625 -25.70 -13.45 30.89
CA ARG A 625 -26.68 -13.26 31.95
C ARG A 625 -27.93 -12.51 31.47
N HIS A 626 -27.98 -12.12 30.19
CA HIS A 626 -29.15 -11.46 29.63
C HIS A 626 -30.09 -12.44 28.91
N ILE A 627 -29.82 -13.73 28.95
CA ILE A 627 -30.74 -14.71 28.41
C ILE A 627 -31.14 -15.67 29.53
#